data_4PUW
#
_entry.id   4PUW
#
_cell.length_a   49.411
_cell.length_b   66.688
_cell.length_c   47.353
_cell.angle_alpha   90.00
_cell.angle_beta   92.02
_cell.angle_gamma   90.00
#
_symmetry.space_group_name_H-M   'P 1 21 1'
#
loop_
_entity.id
_entity.type
_entity.pdbx_description
1 polymer 'Aldose reductase'
2 non-polymer '[5-fluoro-2-(prop-2-yn-1-ylcarbamoyl)phenoxy]acetic acid'
3 non-polymer 'CITRIC ACID'
4 non-polymer 'NADP NICOTINAMIDE-ADENINE-DINUCLEOTIDE PHOSPHATE'
5 water water
#
_entity_poly.entity_id   1
_entity_poly.type   'polypeptide(L)'
_entity_poly.pdbx_seq_one_letter_code
;MASRILLNNGAKMPILGLGTWKSPPGQVTEAVKVAIDVGYRHIDCAHVYQNENEVGVAIQEKLREQVVKREELFIVSKLW
CTYHEKGLVKGACQKTLSDLKLDYLDLYLIHWPTGFKPGKEFFPLDESGNVVPSDTNILDTWAAMEELVDEGLVKAIGIS
NFNHLQVEMILNKPGLKYKPAVNQIECHPYLTQEKLIQYCQSKGIVVTAYSPLGSPDRPWAKPEDPSLLEDPRIKAIAAK
HNKTTAQVLIRFPMQRNLVVIPKSVTPERIAENFKVFDFELSSQDMTTLLSYNRNWRVCALLSCTSHKDYPFHEEF
;
_entity_poly.pdbx_strand_id   A
#
# COMPACT_ATOMS: atom_id res chain seq x y z
N MET A 1 -18.87 4.98 -10.27
CA MET A 1 -17.74 4.45 -9.51
C MET A 1 -18.23 3.59 -8.34
N ALA A 2 -18.14 2.27 -8.51
CA ALA A 2 -18.45 1.34 -7.43
C ALA A 2 -17.41 1.48 -6.33
N SER A 3 -17.78 1.13 -5.10
CA SER A 3 -16.89 1.34 -3.97
C SER A 3 -15.84 0.24 -3.80
N ARG A 4 -16.05 -0.93 -4.39
CA ARG A 4 -15.14 -2.07 -4.21
C ARG A 4 -14.73 -2.69 -5.55
N ILE A 5 -13.56 -3.30 -5.55
CA ILE A 5 -13.02 -4.00 -6.71
C ILE A 5 -12.86 -5.49 -6.37
N LEU A 6 -13.21 -6.35 -7.32
CA LEU A 6 -13.14 -7.79 -7.10
C LEU A 6 -11.70 -8.29 -7.26
N LEU A 7 -11.22 -8.99 -6.25
CA LEU A 7 -9.88 -9.58 -6.29
C LEU A 7 -9.94 -11.00 -6.83
N ASN A 8 -8.76 -11.50 -7.22
CA ASN A 8 -8.66 -12.85 -7.77
C ASN A 8 -8.74 -13.95 -6.72
N ASN A 9 -8.99 -13.60 -5.46
CA ASN A 9 -9.35 -14.59 -4.44
C ASN A 9 -10.86 -14.64 -4.23
N GLY A 10 -11.62 -13.87 -5.00
CA GLY A 10 -13.06 -13.86 -4.87
C GLY A 10 -13.64 -12.84 -3.89
N ALA A 11 -12.78 -12.12 -3.17
CA ALA A 11 -13.23 -11.12 -2.21
C ALA A 11 -13.24 -9.74 -2.85
N LYS A 12 -14.01 -8.83 -2.26
CA LYS A 12 -14.08 -7.45 -2.74
C LYS A 12 -13.30 -6.52 -1.81
N MET A 13 -12.55 -5.62 -2.43
CA MET A 13 -11.66 -4.71 -1.73
C MET A 13 -12.10 -3.27 -1.94
N PRO A 14 -12.31 -2.50 -0.86
CA PRO A 14 -12.69 -1.09 -1.05
C PRO A 14 -11.59 -0.32 -1.76
N ILE A 15 -11.98 0.45 -2.77
CA ILE A 15 -11.00 1.16 -3.59
C ILE A 15 -10.38 2.37 -2.92
N LEU A 16 -10.97 2.82 -1.81
N LEU A 16 -11.01 2.82 -1.83
CA LEU A 16 -10.40 3.94 -1.05
CA LEU A 16 -10.45 3.89 -1.00
C LEU A 16 -10.13 3.52 0.39
C LEU A 16 -10.08 3.29 0.35
N GLY A 17 -8.86 3.58 0.80
CA GLY A 17 -8.46 3.22 2.14
C GLY A 17 -7.69 4.34 2.82
N LEU A 18 -7.49 4.18 4.13
CA LEU A 18 -6.73 5.14 4.92
C LEU A 18 -5.30 4.65 5.12
N GLY A 19 -4.33 5.44 4.69
CA GLY A 19 -2.94 5.15 4.99
C GLY A 19 -2.55 5.52 6.42
N THR A 20 -1.54 4.82 6.95
CA THR A 20 -1.11 5.02 8.32
C THR A 20 0.40 5.18 8.53
N TRP A 21 1.18 5.21 7.45
CA TRP A 21 2.61 5.48 7.60
C TRP A 21 2.80 6.93 8.06
N LYS A 22 3.56 7.10 9.14
CA LYS A 22 3.89 8.40 9.75
C LYS A 22 2.78 8.93 10.65
N SER A 23 1.66 8.24 10.74
CA SER A 23 0.60 8.68 11.64
C SER A 23 1.06 8.46 13.07
N PRO A 24 1.21 9.54 13.86
CA PRO A 24 1.81 9.35 15.19
C PRO A 24 0.94 8.45 16.05
N PRO A 25 1.58 7.64 16.91
CA PRO A 25 0.82 6.71 17.72
C PRO A 25 -0.26 7.39 18.58
N GLY A 26 0.00 8.63 19.00
CA GLY A 26 -0.95 9.37 19.82
C GLY A 26 -2.06 10.04 19.04
N GLN A 27 -2.03 9.93 17.72
CA GLN A 27 -3.04 10.52 16.85
C GLN A 27 -3.77 9.51 15.98
N VAL A 28 -3.16 8.34 15.77
CA VAL A 28 -3.70 7.42 14.78
C VAL A 28 -4.97 6.72 15.25
N THR A 29 -5.13 6.53 16.55
CA THR A 29 -6.37 5.92 17.04
C THR A 29 -7.56 6.81 16.67
N GLU A 30 -7.45 8.10 16.96
CA GLU A 30 -8.50 9.04 16.57
C GLU A 30 -8.69 9.08 15.06
N ALA A 31 -7.59 9.05 14.31
CA ALA A 31 -7.68 9.13 12.85
C ALA A 31 -8.49 7.97 12.30
N VAL A 32 -8.19 6.77 12.76
CA VAL A 32 -8.89 5.58 12.27
C VAL A 32 -10.35 5.58 12.74
N LYS A 33 -10.61 6.00 13.97
CA LYS A 33 -11.99 6.12 14.45
C LYS A 33 -12.81 7.07 13.58
N VAL A 34 -12.26 8.25 13.32
CA VAL A 34 -12.92 9.22 12.47
C VAL A 34 -13.12 8.66 11.07
N ALA A 35 -12.08 8.02 10.52
CA ALA A 35 -12.18 7.43 9.19
C ALA A 35 -13.35 6.45 9.10
N ILE A 36 -13.43 5.53 10.05
CA ILE A 36 -14.52 4.56 10.03
C ILE A 36 -15.87 5.27 10.17
N ASP A 37 -15.96 6.27 11.05
CA ASP A 37 -17.20 7.03 11.21
C ASP A 37 -17.65 7.68 9.90
N VAL A 38 -16.71 8.17 9.10
CA VAL A 38 -17.07 8.90 7.88
C VAL A 38 -17.08 8.05 6.62
N GLY A 39 -16.89 6.74 6.77
CA GLY A 39 -17.16 5.82 5.68
C GLY A 39 -16.03 4.91 5.23
N TYR A 40 -14.81 5.16 5.71
CA TYR A 40 -13.70 4.29 5.30
C TYR A 40 -13.91 2.88 5.83
N ARG A 41 -13.61 1.89 4.98
CA ARG A 41 -13.77 0.49 5.35
C ARG A 41 -12.49 -0.29 5.07
N HIS A 42 -11.42 0.42 4.70
CA HIS A 42 -10.13 -0.19 4.34
C HIS A 42 -9.06 0.63 5.04
N ILE A 43 -8.21 -0.03 5.82
CA ILE A 43 -7.08 0.62 6.49
C ILE A 43 -5.81 -0.08 6.04
N ASP A 44 -4.82 0.69 5.60
CA ASP A 44 -3.52 0.16 5.19
C ASP A 44 -2.53 0.33 6.32
N CYS A 45 -1.95 -0.78 6.77
CA CYS A 45 -1.10 -0.86 7.94
C CYS A 45 0.23 -1.52 7.61
N ALA A 46 1.18 -1.47 8.54
CA ALA A 46 2.39 -2.27 8.42
C ALA A 46 3.07 -2.34 9.77
N HIS A 47 3.69 -3.48 10.07
CA HIS A 47 4.47 -3.63 11.30
C HIS A 47 5.55 -2.55 11.39
N VAL A 48 6.22 -2.26 10.28
CA VAL A 48 7.33 -1.33 10.29
C VAL A 48 6.89 0.10 10.62
N TYR A 49 5.60 0.39 10.51
CA TYR A 49 5.11 1.75 10.84
C TYR A 49 5.06 2.00 12.34
N GLN A 50 5.18 0.94 13.14
CA GLN A 50 5.30 1.03 14.61
C GLN A 50 4.06 1.62 15.28
N ASN A 51 2.90 1.49 14.65
CA ASN A 51 1.69 2.03 15.23
C ASN A 51 0.49 1.08 15.10
N GLU A 52 0.75 -0.19 14.81
CA GLU A 52 -0.38 -1.12 14.63
C GLU A 52 -1.19 -1.33 15.91
N ASN A 53 -0.56 -1.28 17.08
CA ASN A 53 -1.32 -1.43 18.31
C ASN A 53 -2.41 -0.35 18.41
N GLU A 54 -2.01 0.88 18.09
CA GLU A 54 -2.92 2.02 18.18
C GLU A 54 -3.97 2.02 17.08
N VAL A 55 -3.61 1.59 15.88
CA VAL A 55 -4.60 1.36 14.84
C VAL A 55 -5.62 0.34 15.33
N GLY A 56 -5.13 -0.73 15.95
CA GLY A 56 -5.99 -1.79 16.43
C GLY A 56 -6.98 -1.32 17.49
N VAL A 57 -6.54 -0.42 18.36
CA VAL A 57 -7.45 0.11 19.38
C VAL A 57 -8.68 0.74 18.71
N ALA A 58 -8.44 1.49 17.64
CA ALA A 58 -9.54 2.14 16.94
C ALA A 58 -10.47 1.11 16.27
N ILE A 59 -9.89 0.15 15.57
CA ILE A 59 -10.69 -0.88 14.90
C ILE A 59 -11.56 -1.60 15.92
N GLN A 60 -10.94 -2.02 17.03
CA GLN A 60 -11.65 -2.77 18.04
C GLN A 60 -12.78 -1.97 18.67
N GLU A 61 -12.54 -0.68 18.90
CA GLU A 61 -13.57 0.16 19.49
C GLU A 61 -14.75 0.31 18.54
N LYS A 62 -14.49 0.45 17.25
CA LYS A 62 -15.60 0.60 16.31
C LYS A 62 -16.36 -0.71 16.10
N LEU A 63 -15.66 -1.85 16.21
CA LEU A 63 -16.33 -3.14 16.20
C LEU A 63 -17.19 -3.31 17.45
N ARG A 64 -16.63 -2.95 18.60
CA ARG A 64 -17.35 -3.08 19.87
C ARG A 64 -18.58 -2.18 19.91
N GLU A 65 -18.44 -0.97 19.36
CA GLU A 65 -19.54 0.00 19.29
C GLU A 65 -20.58 -0.41 18.24
N GLN A 66 -20.27 -1.41 17.43
CA GLN A 66 -21.14 -1.84 16.32
C GLN A 66 -21.40 -0.73 15.31
N VAL A 67 -20.37 0.10 15.10
CA VAL A 67 -20.37 1.06 14.01
C VAL A 67 -20.22 0.32 12.69
N VAL A 68 -19.46 -0.76 12.73
CA VAL A 68 -19.22 -1.60 11.56
C VAL A 68 -19.08 -3.05 12.03
N LYS A 69 -19.33 -3.99 11.12
CA LYS A 69 -19.07 -5.40 11.37
C LYS A 69 -17.71 -5.77 10.79
N ARG A 70 -17.06 -6.79 11.35
CA ARG A 70 -15.75 -7.20 10.89
C ARG A 70 -15.74 -7.54 9.40
N GLU A 71 -16.81 -8.17 8.93
CA GLU A 71 -16.87 -8.55 7.52
C GLU A 71 -16.91 -7.35 6.58
N GLU A 72 -17.30 -6.19 7.10
CA GLU A 72 -17.36 -4.97 6.31
C GLU A 72 -16.03 -4.23 6.24
N LEU A 73 -15.07 -4.64 7.07
CA LEU A 73 -13.76 -4.01 7.07
C LEU A 73 -12.79 -4.80 6.21
N PHE A 74 -11.84 -4.08 5.64
CA PHE A 74 -10.79 -4.67 4.83
C PHE A 74 -9.47 -4.16 5.39
N ILE A 75 -8.81 -4.99 6.18
CA ILE A 75 -7.60 -4.58 6.87
C ILE A 75 -6.39 -5.22 6.20
N VAL A 76 -5.41 -4.37 5.87
CA VAL A 76 -4.23 -4.78 5.14
C VAL A 76 -3.01 -4.54 6.01
N SER A 77 -2.09 -5.51 6.07
CA SER A 77 -0.79 -5.25 6.64
C SER A 77 0.29 -5.89 5.77
N LYS A 78 1.53 -5.80 6.23
CA LYS A 78 2.69 -6.13 5.41
C LYS A 78 3.80 -6.76 6.24
N LEU A 79 4.41 -7.79 5.66
CA LEU A 79 5.54 -8.51 6.23
C LEU A 79 6.81 -7.70 6.01
N TRP A 80 7.49 -7.30 7.09
CA TRP A 80 8.70 -6.51 6.94
C TRP A 80 9.88 -7.36 6.44
N CYS A 81 10.89 -6.68 5.90
CA CYS A 81 12.01 -7.31 5.22
C CYS A 81 12.87 -8.23 6.08
N THR A 82 12.88 -7.99 7.39
CA THR A 82 13.66 -8.82 8.31
C THR A 82 12.94 -10.09 8.72
N TYR A 83 11.79 -10.37 8.11
CA TYR A 83 11.02 -11.58 8.41
C TYR A 83 10.78 -12.44 7.18
N HIS A 84 11.62 -12.34 6.15
N HIS A 84 11.65 -12.27 6.18
CA HIS A 84 11.39 -13.15 4.95
CA HIS A 84 11.71 -13.10 4.98
C HIS A 84 11.61 -14.66 5.15
C HIS A 84 12.50 -14.37 5.25
N GLU A 85 12.13 -15.07 6.31
CA GLU A 85 12.56 -16.45 6.53
C GLU A 85 11.33 -17.32 6.76
N LYS A 86 11.35 -18.54 6.23
CA LYS A 86 10.24 -19.48 6.39
C LYS A 86 9.74 -19.57 7.83
N GLY A 87 10.67 -19.66 8.77
CA GLY A 87 10.33 -19.86 10.17
C GLY A 87 9.93 -18.60 10.91
N LEU A 88 9.96 -17.45 10.24
CA LEU A 88 9.62 -16.19 10.88
C LEU A 88 8.30 -15.59 10.40
N VAL A 89 7.81 -16.04 9.24
CA VAL A 89 6.65 -15.40 8.62
C VAL A 89 5.38 -15.52 9.46
N LYS A 90 5.11 -16.70 10.00
CA LYS A 90 3.90 -16.88 10.80
C LYS A 90 3.90 -15.98 12.03
N GLY A 91 5.03 -15.95 12.74
CA GLY A 91 5.13 -15.13 13.94
C GLY A 91 4.98 -13.65 13.64
N ALA A 92 5.51 -13.21 12.51
CA ALA A 92 5.38 -11.82 12.11
C ALA A 92 3.91 -11.50 11.84
N CYS A 93 3.23 -12.40 11.13
CA CYS A 93 1.81 -12.20 10.86
C CYS A 93 1.02 -12.17 12.16
N GLN A 94 1.32 -13.12 13.04
CA GLN A 94 0.62 -13.22 14.31
C GLN A 94 0.84 -12.00 15.21
N LYS A 95 2.04 -11.42 15.18
CA LYS A 95 2.30 -10.19 15.95
C LYS A 95 1.42 -9.05 15.42
N THR A 96 1.35 -8.94 14.11
CA THR A 96 0.47 -7.95 13.48
C THR A 96 -1.00 -8.19 13.86
N LEU A 97 -1.45 -9.45 13.79
CA LEU A 97 -2.83 -9.77 14.17
C LEU A 97 -3.11 -9.38 15.62
N SER A 98 -2.17 -9.71 16.50
CA SER A 98 -2.34 -9.41 17.92
C SER A 98 -2.41 -7.91 18.15
N ASP A 99 -1.52 -7.16 17.51
CA ASP A 99 -1.52 -5.70 17.63
C ASP A 99 -2.81 -5.08 17.08
N LEU A 100 -3.26 -5.57 15.93
CA LEU A 100 -4.46 -5.01 15.30
C LEU A 100 -5.75 -5.52 15.96
N LYS A 101 -5.56 -6.48 16.86
N LYS A 101 -5.63 -6.45 16.90
CA LYS A 101 -6.62 -7.15 17.59
CA LYS A 101 -6.80 -7.03 17.60
C LYS A 101 -7.64 -7.74 16.64
C LYS A 101 -7.70 -7.83 16.67
N LEU A 102 -7.11 -8.52 15.70
CA LEU A 102 -7.88 -9.23 14.69
C LEU A 102 -7.57 -10.71 14.73
N ASP A 103 -8.49 -11.53 14.23
CA ASP A 103 -8.19 -12.94 14.06
C ASP A 103 -7.84 -13.33 12.62
N TYR A 104 -8.00 -12.39 11.68
CA TYR A 104 -7.49 -12.57 10.33
C TYR A 104 -7.24 -11.20 9.71
N LEU A 105 -6.36 -11.18 8.72
CA LEU A 105 -6.20 -10.02 7.85
C LEU A 105 -6.93 -10.26 6.54
N ASP A 106 -7.49 -9.21 5.96
CA ASP A 106 -8.05 -9.36 4.62
C ASP A 106 -6.98 -9.50 3.55
N LEU A 107 -5.84 -8.87 3.76
CA LEU A 107 -4.76 -8.91 2.80
C LEU A 107 -3.44 -8.72 3.52
N TYR A 108 -2.47 -9.58 3.22
CA TYR A 108 -1.13 -9.47 3.79
C TYR A 108 -0.13 -9.43 2.64
N LEU A 109 0.73 -8.42 2.64
CA LEU A 109 1.65 -8.16 1.55
C LEU A 109 3.10 -8.40 1.93
N ILE A 110 3.90 -8.92 1.01
CA ILE A 110 5.34 -8.81 1.17
C ILE A 110 5.70 -7.33 0.94
N HIS A 111 6.21 -6.66 1.97
CA HIS A 111 6.33 -5.20 1.95
C HIS A 111 7.29 -4.71 0.86
N TRP A 112 8.44 -5.38 0.77
CA TRP A 112 9.43 -5.11 -0.28
C TRP A 112 9.99 -6.45 -0.73
N PRO A 113 10.47 -6.54 -1.97
CA PRO A 113 11.00 -7.83 -2.43
C PRO A 113 12.33 -8.22 -1.77
N THR A 114 12.99 -7.27 -1.14
CA THR A 114 14.30 -7.45 -0.52
C THR A 114 14.22 -8.02 0.90
N GLY A 115 14.83 -9.19 1.13
CA GLY A 115 14.92 -9.74 2.46
C GLY A 115 16.19 -9.27 3.16
N PHE A 116 16.08 -8.97 4.46
CA PHE A 116 17.21 -8.49 5.26
C PHE A 116 17.51 -9.49 6.37
N LYS A 117 18.73 -9.43 6.90
CA LYS A 117 19.09 -10.24 8.06
C LYS A 117 18.11 -10.06 9.22
N PRO A 118 17.55 -11.15 9.75
N PRO A 118 17.59 -11.16 9.78
CA PRO A 118 16.66 -11.03 10.90
CA PRO A 118 16.65 -11.04 10.90
C PRO A 118 17.34 -10.46 12.13
C PRO A 118 17.32 -10.54 12.17
N GLY A 119 16.54 -9.85 13.01
CA GLY A 119 17.05 -9.27 14.23
C GLY A 119 16.17 -8.12 14.67
N LYS A 120 16.61 -7.38 15.68
CA LYS A 120 15.79 -6.31 16.23
C LYS A 120 15.69 -5.12 15.29
N GLU A 121 16.75 -4.86 14.53
CA GLU A 121 16.83 -3.69 13.67
C GLU A 121 16.09 -3.90 12.36
N PHE A 122 15.25 -2.95 12.00
CA PHE A 122 14.50 -3.04 10.76
C PHE A 122 15.40 -2.88 9.52
N PHE A 123 16.51 -2.16 9.67
CA PHE A 123 17.51 -1.99 8.62
C PHE A 123 18.88 -2.36 9.19
N PRO A 124 19.21 -3.66 9.21
CA PRO A 124 20.51 -4.06 9.74
C PRO A 124 21.60 -3.61 8.79
N LEU A 125 22.57 -2.88 9.33
CA LEU A 125 23.66 -2.36 8.52
C LEU A 125 24.99 -3.04 8.84
N ASP A 126 25.86 -3.15 7.85
CA ASP A 126 27.22 -3.56 8.12
C ASP A 126 28.02 -2.35 8.63
N GLU A 127 29.28 -2.56 8.96
CA GLU A 127 30.11 -1.49 9.52
C GLU A 127 30.26 -0.32 8.56
N SER A 128 29.92 -0.55 7.29
CA SER A 128 30.05 0.47 6.25
C SER A 128 28.71 1.09 5.82
N GLY A 129 27.60 0.60 6.35
CA GLY A 129 26.30 1.22 6.13
C GLY A 129 25.37 0.61 5.09
N ASN A 130 25.79 -0.47 4.44
CA ASN A 130 24.93 -1.17 3.49
C ASN A 130 23.97 -2.09 4.24
N VAL A 131 22.76 -2.33 3.69
CA VAL A 131 21.84 -3.27 4.33
C VAL A 131 22.39 -4.68 4.21
N VAL A 132 22.29 -5.43 5.29
CA VAL A 132 22.75 -6.81 5.29
C VAL A 132 21.61 -7.69 4.79
N PRO A 133 21.79 -8.33 3.63
CA PRO A 133 20.69 -9.14 3.09
C PRO A 133 20.48 -10.47 3.80
N SER A 134 19.30 -11.04 3.58
N SER A 134 19.34 -11.08 3.57
CA SER A 134 19.00 -12.45 3.84
CA SER A 134 19.15 -12.48 3.90
C SER A 134 19.25 -13.24 2.56
C SER A 134 19.14 -13.28 2.61
N ASP A 135 19.60 -14.52 2.69
CA ASP A 135 19.69 -15.37 1.49
C ASP A 135 18.37 -16.01 1.06
N THR A 136 17.28 -15.70 1.75
CA THR A 136 15.99 -16.29 1.39
C THR A 136 15.39 -15.57 0.18
N ASN A 137 15.02 -16.33 -0.85
CA ASN A 137 14.52 -15.70 -2.08
C ASN A 137 13.01 -15.40 -2.08
N ILE A 138 12.58 -14.67 -3.10
CA ILE A 138 11.19 -14.24 -3.23
C ILE A 138 10.24 -15.44 -3.22
N LEU A 139 10.62 -16.51 -3.91
CA LEU A 139 9.74 -17.65 -4.07
C LEU A 139 9.50 -18.43 -2.77
N ASP A 140 10.55 -18.60 -1.97
CA ASP A 140 10.36 -19.26 -0.68
C ASP A 140 9.54 -18.41 0.27
N THR A 141 9.76 -17.09 0.24
CA THR A 141 8.92 -16.20 1.03
C THR A 141 7.47 -16.31 0.58
N TRP A 142 7.24 -16.40 -0.73
CA TRP A 142 5.88 -16.53 -1.24
C TRP A 142 5.22 -17.82 -0.73
N ALA A 143 5.97 -18.92 -0.73
CA ALA A 143 5.45 -20.17 -0.22
C ALA A 143 5.01 -20.03 1.24
N ALA A 144 5.78 -19.27 2.02
CA ALA A 144 5.43 -19.03 3.42
C ALA A 144 4.15 -18.21 3.53
N MET A 145 3.97 -17.24 2.63
CA MET A 145 2.74 -16.46 2.57
C MET A 145 1.53 -17.34 2.25
N GLU A 146 1.71 -18.27 1.30
CA GLU A 146 0.64 -19.19 0.94
C GLU A 146 0.17 -20.01 2.14
N GLU A 147 1.11 -20.39 3.00
CA GLU A 147 0.76 -21.16 4.19
CA GLU A 147 0.77 -21.16 4.19
C GLU A 147 -0.18 -20.38 5.11
N LEU A 148 -0.01 -19.06 5.17
CA LEU A 148 -0.88 -18.23 5.99
C LEU A 148 -2.34 -18.29 5.53
N VAL A 149 -2.54 -18.35 4.22
CA VAL A 149 -3.89 -18.51 3.68
C VAL A 149 -4.45 -19.86 4.15
N ASP A 150 -3.64 -20.89 4.04
CA ASP A 150 -4.08 -22.24 4.38
C ASP A 150 -4.27 -22.46 5.87
N GLU A 151 -3.74 -21.56 6.70
CA GLU A 151 -3.94 -21.64 8.14
C GLU A 151 -5.06 -20.71 8.64
N GLY A 152 -5.67 -19.96 7.73
CA GLY A 152 -6.78 -19.09 8.09
C GLY A 152 -6.39 -17.74 8.67
N LEU A 153 -5.10 -17.40 8.67
CA LEU A 153 -4.63 -16.15 9.24
C LEU A 153 -4.91 -14.96 8.34
N VAL A 154 -4.93 -15.20 7.03
CA VAL A 154 -5.13 -14.12 6.06
C VAL A 154 -6.05 -14.62 4.95
N LYS A 155 -6.88 -13.73 4.41
CA LYS A 155 -7.81 -14.11 3.34
C LYS A 155 -7.19 -13.98 1.96
N ALA A 156 -6.22 -13.08 1.83
CA ALA A 156 -5.54 -12.85 0.57
C ALA A 156 -4.10 -12.50 0.85
N ILE A 157 -3.23 -12.81 -0.10
CA ILE A 157 -1.84 -12.41 -0.04
C ILE A 157 -1.44 -11.66 -1.29
N GLY A 158 -0.45 -10.78 -1.14
CA GLY A 158 0.04 -10.01 -2.26
C GLY A 158 1.44 -9.51 -2.01
N ILE A 159 1.82 -8.55 -2.83
CA ILE A 159 3.19 -8.06 -2.91
C ILE A 159 3.16 -6.54 -2.98
N SER A 160 4.32 -5.93 -2.73
CA SER A 160 4.42 -4.48 -2.76
C SER A 160 5.82 -4.11 -3.22
N ASN A 161 5.90 -3.10 -4.08
CA ASN A 161 7.18 -2.64 -4.62
C ASN A 161 7.88 -3.70 -5.45
N PHE A 162 7.12 -4.61 -6.06
CA PHE A 162 7.69 -5.59 -6.96
C PHE A 162 7.67 -5.04 -8.38
N ASN A 163 8.79 -5.17 -9.09
CA ASN A 163 8.85 -4.79 -10.49
C ASN A 163 8.24 -5.89 -11.36
N HIS A 164 8.08 -5.65 -12.65
CA HIS A 164 7.33 -6.62 -13.43
C HIS A 164 8.02 -7.98 -13.55
N LEU A 165 9.36 -7.98 -13.57
CA LEU A 165 10.08 -9.25 -13.59
C LEU A 165 9.91 -10.02 -12.29
N GLN A 166 9.79 -9.30 -11.18
CA GLN A 166 9.58 -9.92 -9.88
C GLN A 166 8.17 -10.48 -9.75
N VAL A 167 7.19 -9.74 -10.26
CA VAL A 167 5.82 -10.26 -10.33
C VAL A 167 5.81 -11.52 -11.19
N GLU A 168 6.48 -11.45 -12.34
CA GLU A 168 6.57 -12.58 -13.26
C GLU A 168 7.21 -13.81 -12.60
N MET A 169 8.23 -13.57 -11.78
CA MET A 169 8.88 -14.65 -11.05
C MET A 169 7.90 -15.43 -10.16
N ILE A 170 7.05 -14.70 -9.47
CA ILE A 170 6.03 -15.35 -8.66
C ILE A 170 5.00 -16.06 -9.53
N LEU A 171 4.52 -15.39 -10.58
CA LEU A 171 3.54 -16.01 -11.46
C LEU A 171 4.07 -17.29 -12.11
N ASN A 172 5.39 -17.36 -12.29
CA ASN A 172 6.04 -18.51 -12.88
C ASN A 172 6.62 -19.50 -11.85
N LYS A 173 6.32 -19.28 -10.58
CA LYS A 173 6.86 -20.13 -9.52
C LYS A 173 6.42 -21.58 -9.71
N PRO A 174 7.38 -22.51 -9.68
CA PRO A 174 6.98 -23.93 -9.73
C PRO A 174 6.05 -24.25 -8.55
N GLY A 175 4.91 -24.84 -8.87
CA GLY A 175 3.97 -25.24 -7.84
C GLY A 175 3.19 -24.11 -7.20
N LEU A 176 3.15 -22.96 -7.86
CA LEU A 176 2.39 -21.80 -7.35
C LEU A 176 0.99 -22.20 -6.93
N LYS A 177 0.62 -21.85 -5.69
CA LYS A 177 -0.69 -22.22 -5.18
C LYS A 177 -1.70 -21.08 -5.22
N TYR A 178 -1.27 -19.89 -4.81
CA TYR A 178 -2.12 -18.71 -4.87
C TYR A 178 -1.38 -17.59 -5.60
N LYS A 179 -2.01 -17.03 -6.62
CA LYS A 179 -1.45 -15.85 -7.28
C LYS A 179 -1.53 -14.66 -6.32
N PRO A 180 -0.60 -13.71 -6.45
N PRO A 180 -0.62 -13.68 -6.48
CA PRO A 180 -0.76 -12.46 -5.71
CA PRO A 180 -0.76 -12.47 -5.67
C PRO A 180 -2.09 -11.81 -6.07
C PRO A 180 -2.03 -11.71 -6.05
N ALA A 181 -2.79 -11.28 -5.06
CA ALA A 181 -4.06 -10.60 -5.30
C ALA A 181 -3.84 -9.14 -5.68
N VAL A 182 -2.76 -8.56 -5.14
CA VAL A 182 -2.50 -7.13 -5.21
C VAL A 182 -1.00 -6.91 -5.32
N ASN A 183 -0.61 -5.90 -6.10
CA ASN A 183 0.73 -5.30 -6.02
C ASN A 183 0.54 -3.84 -5.61
N GLN A 184 1.02 -3.48 -4.43
CA GLN A 184 0.92 -2.12 -3.92
C GLN A 184 2.20 -1.37 -4.30
N ILE A 185 2.05 -0.30 -5.08
CA ILE A 185 3.18 0.43 -5.63
C ILE A 185 2.94 1.94 -5.52
N GLU A 186 4.01 2.70 -5.55
CA GLU A 186 3.88 4.15 -5.55
C GLU A 186 3.25 4.59 -6.87
N CYS A 187 2.28 5.49 -6.83
CA CYS A 187 1.66 5.95 -8.05
C CYS A 187 0.96 7.28 -7.85
N HIS A 188 1.26 8.23 -8.73
CA HIS A 188 0.69 9.57 -8.69
C HIS A 188 1.08 10.26 -10.02
N PRO A 189 0.63 11.51 -10.25
CA PRO A 189 0.93 12.10 -11.57
C PRO A 189 2.43 12.30 -11.89
N TYR A 190 3.32 12.24 -10.91
CA TYR A 190 4.75 12.33 -11.21
C TYR A 190 5.43 10.96 -11.36
N LEU A 191 4.67 9.89 -11.11
CA LEU A 191 5.15 8.51 -11.26
C LEU A 191 3.95 7.67 -11.66
N THR A 192 3.63 7.72 -12.95
CA THR A 192 2.33 7.24 -13.42
C THR A 192 2.24 5.73 -13.63
N GLN A 193 3.39 5.07 -13.79
CA GLN A 193 3.46 3.61 -13.75
C GLN A 193 2.65 2.88 -14.83
N GLU A 194 2.53 3.46 -16.02
CA GLU A 194 1.70 2.86 -17.06
CA GLU A 194 1.67 2.85 -17.04
C GLU A 194 2.09 1.42 -17.38
N LYS A 195 3.39 1.17 -17.52
CA LYS A 195 3.85 -0.15 -17.91
C LYS A 195 3.56 -1.21 -16.83
N LEU A 196 3.91 -0.90 -15.59
CA LEU A 196 3.71 -1.88 -14.52
C LEU A 196 2.23 -2.12 -14.23
N ILE A 197 1.44 -1.04 -14.28
CA ILE A 197 0.01 -1.18 -14.06
C ILE A 197 -0.65 -2.07 -15.13
N GLN A 198 -0.34 -1.83 -16.40
N GLN A 198 -0.32 -1.82 -16.39
CA GLN A 198 -0.94 -2.65 -17.45
CA GLN A 198 -0.86 -2.61 -17.48
C GLN A 198 -0.53 -4.12 -17.29
C GLN A 198 -0.52 -4.09 -17.30
N TYR A 199 0.74 -4.35 -16.95
CA TYR A 199 1.19 -5.72 -16.77
C TYR A 199 0.40 -6.41 -15.65
N CYS A 200 0.31 -5.77 -14.49
CA CYS A 200 -0.38 -6.37 -13.38
C CYS A 200 -1.86 -6.59 -13.69
N GLN A 201 -2.51 -5.57 -14.25
CA GLN A 201 -3.94 -5.70 -14.54
C GLN A 201 -4.21 -6.80 -15.57
N SER A 202 -3.29 -6.97 -16.53
CA SER A 202 -3.44 -8.01 -17.55
C SER A 202 -3.36 -9.40 -16.94
N LYS A 203 -2.76 -9.52 -15.76
CA LYS A 203 -2.62 -10.80 -15.07
C LYS A 203 -3.68 -10.96 -13.98
N GLY A 204 -4.60 -10.00 -13.88
CA GLY A 204 -5.66 -10.08 -12.90
C GLY A 204 -5.24 -9.66 -11.50
N ILE A 205 -4.09 -9.00 -11.39
CA ILE A 205 -3.58 -8.50 -10.11
C ILE A 205 -4.04 -7.06 -9.95
N VAL A 206 -4.71 -6.75 -8.85
CA VAL A 206 -5.15 -5.39 -8.57
C VAL A 206 -3.98 -4.56 -8.08
N VAL A 207 -3.89 -3.33 -8.56
CA VAL A 207 -2.85 -2.41 -8.12
C VAL A 207 -3.40 -1.41 -7.12
N THR A 208 -2.70 -1.27 -6.00
CA THR A 208 -2.96 -0.20 -5.04
C THR A 208 -1.89 0.86 -5.19
N ALA A 209 -2.34 2.12 -5.31
CA ALA A 209 -1.47 3.28 -5.41
C ALA A 209 -1.19 3.88 -4.04
N TYR A 210 0.10 3.90 -3.67
CA TYR A 210 0.52 4.56 -2.44
C TYR A 210 1.15 5.92 -2.72
N SER A 211 1.28 6.71 -1.66
CA SER A 211 1.70 8.12 -1.73
C SER A 211 0.97 8.90 -2.83
N PRO A 212 -0.37 8.79 -2.91
CA PRO A 212 -1.09 9.42 -4.03
C PRO A 212 -1.05 10.95 -3.99
N LEU A 213 -0.74 11.51 -2.83
CA LEU A 213 -0.64 12.97 -2.70
C LEU A 213 0.82 13.43 -2.77
N GLY A 214 1.72 12.49 -3.04
CA GLY A 214 3.13 12.83 -3.09
C GLY A 214 3.81 12.87 -1.74
N SER A 215 3.17 12.33 -0.71
CA SER A 215 3.77 12.19 0.62
C SER A 215 4.49 13.45 1.11
N PRO A 216 3.77 14.58 1.24
CA PRO A 216 4.46 15.79 1.68
C PRO A 216 5.13 15.69 3.06
N ASP A 217 4.72 14.73 3.88
CA ASP A 217 5.34 14.53 5.19
C ASP A 217 6.46 13.47 5.19
N ARG A 218 6.87 13.00 4.02
CA ARG A 218 7.98 12.04 3.96
C ARG A 218 9.21 12.64 4.66
N PRO A 219 9.92 11.83 5.46
CA PRO A 219 10.95 12.43 6.31
C PRO A 219 12.16 13.02 5.56
N TRP A 220 12.36 12.60 4.31
CA TRP A 220 13.52 13.03 3.53
C TRP A 220 13.16 14.10 2.50
N ALA A 221 12.03 14.75 2.66
CA ALA A 221 11.60 15.80 1.73
C ALA A 221 12.63 16.93 1.68
N LYS A 222 12.83 17.48 0.49
CA LYS A 222 13.71 18.63 0.29
C LYS A 222 12.91 19.73 -0.39
N PRO A 223 13.21 21.00 -0.05
CA PRO A 223 12.48 22.16 -0.57
C PRO A 223 12.35 22.18 -2.09
N GLU A 224 13.38 21.71 -2.80
CA GLU A 224 13.41 21.77 -4.26
C GLU A 224 12.69 20.63 -4.96
N ASP A 225 12.18 19.67 -4.20
CA ASP A 225 11.43 18.55 -4.77
C ASP A 225 10.14 19.04 -5.41
N PRO A 226 9.63 18.33 -6.43
CA PRO A 226 8.33 18.73 -6.96
C PRO A 226 7.24 18.50 -5.91
N SER A 227 6.12 19.20 -6.06
CA SER A 227 5.02 19.13 -5.10
C SER A 227 3.67 19.05 -5.79
N LEU A 228 3.06 17.86 -5.77
CA LEU A 228 1.78 17.63 -6.43
C LEU A 228 0.69 18.57 -5.92
N LEU A 229 0.60 18.70 -4.60
CA LEU A 229 -0.47 19.50 -4.02
C LEU A 229 -0.36 20.98 -4.35
N GLU A 230 0.84 21.42 -4.73
CA GLU A 230 1.07 22.81 -5.09
C GLU A 230 1.20 23.06 -6.59
N ASP A 231 1.07 22.01 -7.39
CA ASP A 231 1.24 22.13 -8.83
C ASP A 231 0.06 22.92 -9.40
N PRO A 232 0.33 24.09 -9.99
CA PRO A 232 -0.80 24.91 -10.45
C PRO A 232 -1.64 24.24 -11.54
N ARG A 233 -1.05 23.31 -12.28
CA ARG A 233 -1.78 22.61 -13.34
C ARG A 233 -2.84 21.68 -12.73
N ILE A 234 -2.49 21.08 -11.60
CA ILE A 234 -3.40 20.17 -10.92
C ILE A 234 -4.45 20.98 -10.15
N LYS A 235 -4.01 22.07 -9.53
CA LYS A 235 -4.93 22.99 -8.89
C LYS A 235 -6.00 23.50 -9.87
N ALA A 236 -5.60 23.73 -11.12
CA ALA A 236 -6.54 24.21 -12.14
C ALA A 236 -7.64 23.18 -12.45
N ILE A 237 -7.24 21.92 -12.56
CA ILE A 237 -8.22 20.85 -12.78
C ILE A 237 -9.17 20.75 -11.59
N ALA A 238 -8.63 20.84 -10.37
CA ALA A 238 -9.46 20.83 -9.18
C ALA A 238 -10.45 21.99 -9.18
N ALA A 239 -9.98 23.19 -9.51
CA ALA A 239 -10.85 24.36 -9.52
C ALA A 239 -11.99 24.18 -10.52
N LYS A 240 -11.69 23.62 -11.68
N LYS A 240 -11.68 23.62 -11.68
CA LYS A 240 -12.70 23.42 -12.71
CA LYS A 240 -12.67 23.40 -12.72
C LYS A 240 -13.81 22.51 -12.21
C LYS A 240 -13.80 22.50 -12.24
N HIS A 241 -13.45 21.53 -11.39
CA HIS A 241 -14.43 20.58 -10.86
C HIS A 241 -15.00 20.98 -9.50
N ASN A 242 -14.60 22.15 -8.98
CA ASN A 242 -15.00 22.58 -7.65
C ASN A 242 -14.64 21.56 -6.57
N LYS A 243 -13.45 20.99 -6.66
CA LYS A 243 -12.95 20.05 -5.67
C LYS A 243 -11.58 20.51 -5.22
N THR A 244 -11.03 19.86 -4.19
CA THR A 244 -9.69 20.20 -3.75
C THR A 244 -8.66 19.47 -4.59
N THR A 245 -7.43 19.93 -4.55
CA THR A 245 -6.36 19.26 -5.27
C THR A 245 -6.18 17.82 -4.78
N ALA A 246 -6.27 17.61 -3.47
CA ALA A 246 -6.18 16.26 -2.93
C ALA A 246 -7.30 15.37 -3.48
N GLN A 247 -8.52 15.89 -3.60
CA GLN A 247 -9.62 15.11 -4.14
C GLN A 247 -9.37 14.68 -5.58
N VAL A 248 -8.79 15.57 -6.38
CA VAL A 248 -8.41 15.21 -7.74
C VAL A 248 -7.35 14.11 -7.74
N LEU A 249 -6.35 14.25 -6.86
CA LEU A 249 -5.26 13.28 -6.77
C LEU A 249 -5.74 11.90 -6.30
N ILE A 250 -6.82 11.87 -5.54
CA ILE A 250 -7.40 10.61 -5.10
C ILE A 250 -8.31 10.00 -6.18
N ARG A 251 -9.11 10.84 -6.84
CA ARG A 251 -10.00 10.36 -7.89
C ARG A 251 -9.23 9.81 -9.10
N PHE A 252 -8.07 10.39 -9.37
CA PHE A 252 -7.24 10.01 -10.52
C PHE A 252 -6.95 8.48 -10.56
N PRO A 253 -6.32 7.92 -9.51
CA PRO A 253 -6.10 6.46 -9.56
C PRO A 253 -7.38 5.64 -9.56
N MET A 254 -8.43 6.13 -8.90
CA MET A 254 -9.70 5.40 -8.91
C MET A 254 -10.19 5.15 -10.33
N GLN A 255 -10.04 6.15 -11.19
CA GLN A 255 -10.51 6.03 -12.57
C GLN A 255 -9.58 5.19 -13.46
N ARG A 256 -8.45 4.76 -12.92
CA ARG A 256 -7.55 3.84 -13.61
C ARG A 256 -7.76 2.41 -13.09
N ASN A 257 -8.85 2.20 -12.36
CA ASN A 257 -9.16 0.92 -11.73
C ASN A 257 -8.13 0.51 -10.69
N LEU A 258 -7.55 1.50 -10.01
CA LEU A 258 -6.63 1.26 -8.91
C LEU A 258 -7.37 1.46 -7.58
N VAL A 259 -6.81 0.84 -6.55
CA VAL A 259 -7.13 1.15 -5.17
C VAL A 259 -6.18 2.27 -4.74
N VAL A 260 -6.62 3.13 -3.83
CA VAL A 260 -5.79 4.27 -3.42
C VAL A 260 -5.92 4.49 -1.91
N ILE A 261 -4.79 4.83 -1.27
CA ILE A 261 -4.71 4.84 0.19
C ILE A 261 -4.11 6.13 0.77
N PRO A 262 -4.77 7.29 0.54
CA PRO A 262 -4.24 8.53 1.12
C PRO A 262 -4.16 8.50 2.64
N LYS A 263 -3.07 9.04 3.19
CA LYS A 263 -2.88 9.13 4.63
C LYS A 263 -3.25 10.51 5.15
N SER A 264 -3.98 10.54 6.26
CA SER A 264 -4.13 11.76 7.03
C SER A 264 -4.41 11.41 8.48
N VAL A 265 -3.96 12.30 9.38
CA VAL A 265 -4.41 12.28 10.77
C VAL A 265 -5.26 13.49 11.12
N THR A 266 -5.63 14.28 10.11
CA THR A 266 -6.40 15.50 10.32
C THR A 266 -7.88 15.19 10.07
N PRO A 267 -8.73 15.27 11.09
CA PRO A 267 -10.13 14.87 10.90
C PRO A 267 -10.82 15.49 9.67
N GLU A 268 -10.64 16.78 9.45
CA GLU A 268 -11.30 17.43 8.31
C GLU A 268 -10.82 16.87 6.98
N ARG A 269 -9.52 16.58 6.89
CA ARG A 269 -8.97 16.02 5.66
C ARG A 269 -9.39 14.57 5.46
N ILE A 270 -9.45 13.80 6.54
CA ILE A 270 -9.92 12.43 6.45
C ILE A 270 -11.31 12.40 5.81
N ALA A 271 -12.20 13.27 6.28
CA ALA A 271 -13.54 13.36 5.71
C ALA A 271 -13.53 13.88 4.26
N GLU A 272 -12.77 14.93 4.00
N GLU A 272 -12.77 14.92 3.98
CA GLU A 272 -12.60 15.53 2.67
CA GLU A 272 -12.71 15.50 2.65
C GLU A 272 -12.16 14.50 1.66
C GLU A 272 -12.13 14.52 1.62
N ASN A 273 -11.13 13.75 2.03
CA ASN A 273 -10.50 12.79 1.15
C ASN A 273 -11.43 11.67 0.71
N PHE A 274 -12.47 11.42 1.50
CA PHE A 274 -13.44 10.38 1.17
C PHE A 274 -14.51 10.85 0.20
N LYS A 275 -14.65 12.16 0.05
CA LYS A 275 -15.72 12.73 -0.77
C LYS A 275 -15.28 12.85 -2.21
N VAL A 276 -15.08 11.69 -2.82
CA VAL A 276 -14.54 11.61 -4.17
C VAL A 276 -15.37 10.66 -5.04
N PHE A 277 -16.57 10.33 -4.57
CA PHE A 277 -17.48 9.47 -5.32
C PHE A 277 -18.64 10.28 -5.92
N ASP A 278 -18.43 11.59 -6.08
CA ASP A 278 -19.50 12.48 -6.53
C ASP A 278 -19.10 13.33 -7.73
N PHE A 279 -17.97 13.00 -8.37
CA PHE A 279 -17.53 13.72 -9.54
C PHE A 279 -16.67 12.83 -10.44
N GLU A 280 -16.52 13.22 -11.70
CA GLU A 280 -15.75 12.44 -12.66
C GLU A 280 -14.75 13.31 -13.39
N LEU A 281 -13.51 12.83 -13.48
CA LEU A 281 -12.51 13.45 -14.34
C LEU A 281 -12.76 12.99 -15.77
N SER A 282 -12.67 13.90 -16.73
CA SER A 282 -12.83 13.52 -18.14
C SER A 282 -11.61 12.71 -18.61
N SER A 283 -11.76 12.01 -19.72
N SER A 283 -11.73 12.03 -19.74
CA SER A 283 -10.63 11.33 -20.34
CA SER A 283 -10.57 11.32 -20.27
C SER A 283 -9.48 12.31 -20.58
C SER A 283 -9.44 12.28 -20.67
N GLN A 284 -9.83 13.50 -21.05
CA GLN A 284 -8.87 14.56 -21.30
C GLN A 284 -8.13 14.94 -20.00
N ASP A 285 -8.90 15.10 -18.91
CA ASP A 285 -8.31 15.35 -17.58
C ASP A 285 -7.33 14.24 -17.22
N MET A 286 -7.74 12.99 -17.44
CA MET A 286 -6.92 11.84 -17.08
C MET A 286 -5.61 11.82 -17.85
N THR A 287 -5.72 12.03 -19.17
CA THR A 287 -4.54 12.04 -20.01
C THR A 287 -3.63 13.23 -19.66
N THR A 288 -4.24 14.36 -19.34
CA THR A 288 -3.48 15.52 -18.91
C THR A 288 -2.70 15.21 -17.61
N LEU A 289 -3.36 14.62 -16.63
CA LEU A 289 -2.67 14.22 -15.40
C LEU A 289 -1.55 13.21 -15.67
N LEU A 290 -1.81 12.26 -16.55
CA LEU A 290 -0.79 11.28 -16.92
C LEU A 290 0.42 11.96 -17.53
N SER A 291 0.21 13.07 -18.21
CA SER A 291 1.30 13.74 -18.92
C SER A 291 2.32 14.36 -17.99
N TYR A 292 2.01 14.44 -16.71
CA TYR A 292 2.90 15.07 -15.74
C TYR A 292 3.98 14.11 -15.23
N ASN A 293 3.98 12.87 -15.72
CA ASN A 293 4.96 11.89 -15.27
C ASN A 293 6.39 12.38 -15.40
N ARG A 294 7.17 12.14 -14.35
CA ARG A 294 8.60 12.42 -14.42
C ARG A 294 9.42 11.34 -13.74
N ASN A 295 8.79 10.18 -13.50
CA ASN A 295 9.50 9.06 -12.88
C ASN A 295 10.13 9.44 -11.54
N TRP A 296 9.40 10.25 -10.77
CA TRP A 296 9.87 10.73 -9.47
C TRP A 296 9.31 9.90 -8.33
N ARG A 297 10.20 9.35 -7.50
CA ARG A 297 9.81 8.48 -6.39
C ARG A 297 9.96 9.10 -5.01
N VAL A 298 8.89 9.00 -4.22
CA VAL A 298 8.93 9.22 -2.78
C VAL A 298 9.77 8.13 -2.11
N CYS A 299 9.53 6.87 -2.50
CA CYS A 299 10.15 5.73 -1.82
C CYS A 299 11.09 4.99 -2.76
N ALA A 300 12.39 5.24 -2.62
CA ALA A 300 13.38 4.63 -3.49
C ALA A 300 14.27 3.59 -2.80
N LEU A 301 14.05 3.35 -1.52
CA LEU A 301 14.79 2.32 -0.76
C LEU A 301 16.31 2.44 -0.99
N LEU A 302 16.83 3.63 -0.75
CA LEU A 302 18.19 3.98 -1.17
C LEU A 302 19.31 3.22 -0.47
N SER A 303 19.05 2.64 0.69
CA SER A 303 20.07 1.89 1.41
C SER A 303 20.22 0.46 0.88
N CYS A 304 19.41 0.11 -0.11
CA CYS A 304 19.36 -1.26 -0.60
C CYS A 304 19.64 -1.39 -2.10
N THR A 305 20.28 -0.38 -2.69
CA THR A 305 20.47 -0.38 -4.13
C THR A 305 21.41 -1.47 -4.67
N SER A 306 22.16 -2.13 -3.79
N SER A 306 22.13 -2.14 -3.77
CA SER A 306 22.99 -3.26 -4.20
CA SER A 306 23.01 -3.24 -4.16
C SER A 306 22.38 -4.61 -3.90
C SER A 306 22.43 -4.61 -3.78
N HIS A 307 21.24 -4.62 -3.21
CA HIS A 307 20.56 -5.86 -2.87
C HIS A 307 20.17 -6.57 -4.17
N LYS A 308 20.32 -7.88 -4.22
CA LYS A 308 20.06 -8.61 -5.46
C LYS A 308 18.62 -8.41 -5.94
N ASP A 309 17.72 -8.14 -5.01
CA ASP A 309 16.31 -7.98 -5.34
C ASP A 309 15.83 -6.52 -5.27
N TYR A 310 16.76 -5.57 -5.30
CA TYR A 310 16.38 -4.17 -5.37
C TYR A 310 15.46 -3.98 -6.58
N PRO A 311 14.28 -3.36 -6.39
CA PRO A 311 13.29 -3.41 -7.47
C PRO A 311 13.41 -2.34 -8.55
N PHE A 312 14.17 -1.27 -8.31
CA PHE A 312 14.03 -0.09 -9.17
C PHE A 312 15.19 0.16 -10.14
N HIS A 313 16.02 -0.85 -10.39
CA HIS A 313 17.01 -0.78 -11.48
C HIS A 313 16.29 -0.98 -12.80
N GLU A 314 15.38 -1.95 -12.83
CA GLU A 314 14.59 -2.25 -14.02
C GLU A 314 13.75 -1.04 -14.38
N GLU A 315 13.49 -0.86 -15.67
CA GLU A 315 12.65 0.24 -16.10
C GLU A 315 11.28 0.16 -15.43
N PHE A 316 10.73 -1.05 -15.33
CA PHE A 316 9.45 -1.24 -14.65
C PHE A 316 9.30 -2.67 -14.14
#